data_7NUS
#
_entry.id   7NUS
#
_cell.length_a   140.780
_cell.length_b   40.306
_cell.length_c   70.198
_cell.angle_alpha   90.000
_cell.angle_beta   112.200
_cell.angle_gamma   90.000
#
_symmetry.space_group_name_H-M   'C 1 2 1'
#
loop_
_entity.id
_entity.type
_entity.pdbx_description
1 polymer 'E3 ubiquitin-protein ligase Mdm2'
2 polymer 'p53/MDM2 macrocyclic peptide inhibitor'
3 non-polymer 'SULFATE ION'
4 non-polymer 'CHLORIDE ION'
5 water water
#
loop_
_entity_poly.entity_id
_entity_poly.type
_entity_poly.pdbx_seq_one_letter_code
_entity_poly.pdbx_strand_id
1 'polypeptide(L)'
;GSQIPASEQETLVRPKPLLLKLLKSVGAQKDTYTMKEVLFYLGQYIMTKRLYDEKQQHIVYCSNDLLGDLFGVPSFSVKE
HRKIYTMIYRNLVVVN
;
A,B,C
2 'polypeptide(L)' FSD(5JP)SSVPN(BIF)(BIF)RN(CCS)(GM1) D,E,F
#
# COMPACT_ATOMS: atom_id res chain seq x y z
N THR A 11 16.46 -28.71 -6.46
CA THR A 11 15.70 -29.34 -7.59
C THR A 11 15.12 -28.26 -8.49
N LEU A 12 15.53 -28.26 -9.76
CA LEU A 12 15.10 -27.24 -10.72
C LEU A 12 14.02 -27.79 -11.61
N VAL A 13 12.96 -27.00 -11.79
CA VAL A 13 11.78 -27.45 -12.51
C VAL A 13 11.27 -26.44 -13.53
N ARG A 14 10.59 -26.95 -14.55
CA ARG A 14 9.94 -26.13 -15.56
C ARG A 14 8.44 -26.40 -15.49
N PRO A 15 7.68 -25.50 -14.84
CA PRO A 15 6.23 -25.68 -14.75
C PRO A 15 5.55 -25.73 -16.12
N LYS A 16 4.56 -26.61 -16.23
CA LYS A 16 3.69 -26.65 -17.41
C LYS A 16 2.77 -25.42 -17.43
N PRO A 17 2.05 -25.18 -18.54
CA PRO A 17 1.37 -23.89 -18.68
C PRO A 17 0.41 -23.45 -17.56
N LEU A 18 -0.45 -24.34 -17.07
CA LEU A 18 -1.39 -23.92 -16.03
C LEU A 18 -0.69 -23.58 -14.72
N LEU A 19 0.22 -24.45 -14.27
CA LEU A 19 1.01 -24.13 -13.09
C LEU A 19 1.79 -22.82 -13.26
N LEU A 20 2.41 -22.64 -14.43
CA LEU A 20 3.15 -21.41 -14.70
C LEU A 20 2.24 -20.18 -14.55
N LYS A 21 1.03 -20.28 -15.10
CA LYS A 21 0.04 -19.20 -15.02
C LYS A 21 -0.28 -18.86 -13.56
N LEU A 22 -0.47 -19.87 -12.72
CA LEU A 22 -0.77 -19.61 -11.31
C LEU A 22 0.41 -18.93 -10.61
N LEU A 23 1.63 -19.41 -10.87
CA LEU A 23 2.82 -18.81 -10.27
C LEU A 23 2.96 -17.34 -10.68
N LYS A 24 2.83 -17.06 -11.97
CA LYS A 24 2.93 -15.68 -12.44
C LYS A 24 1.81 -14.79 -11.89
N SER A 25 0.65 -15.37 -11.59
CA SER A 25 -0.46 -14.58 -11.08
C SER A 25 -0.15 -13.99 -9.69
N VAL A 26 0.81 -14.58 -8.97
CA VAL A 26 1.23 -14.01 -7.68
C VAL A 26 2.60 -13.32 -7.76
N GLY A 27 3.04 -13.04 -8.98
CA GLY A 27 4.21 -12.16 -9.16
C GLY A 27 5.42 -12.74 -9.84
N ALA A 28 5.48 -14.06 -9.97
CA ALA A 28 6.66 -14.73 -10.57
C ALA A 28 6.85 -14.30 -12.02
N GLN A 29 8.11 -14.16 -12.45
CA GLN A 29 8.39 -13.64 -13.78
C GLN A 29 9.41 -14.46 -14.56
N LYS A 30 9.50 -15.74 -14.25
CA LYS A 30 10.44 -16.60 -14.96
C LYS A 30 9.81 -17.94 -15.34
N ASP A 31 10.59 -18.78 -16.01
CA ASP A 31 10.09 -20.06 -16.51
C ASP A 31 10.66 -21.25 -15.77
N THR A 32 11.80 -21.07 -15.10
CA THR A 32 12.46 -22.13 -14.35
C THR A 32 12.54 -21.75 -12.88
N TYR A 33 12.22 -22.71 -12.01
CA TYR A 33 12.10 -22.48 -10.57
C TYR A 33 12.76 -23.58 -9.76
N THR A 34 13.12 -23.27 -8.53
CA THR A 34 13.39 -24.32 -7.56
C THR A 34 12.05 -24.83 -7.01
N MET A 35 12.07 -26.03 -6.45
CA MET A 35 10.86 -26.55 -5.81
C MET A 35 10.45 -25.69 -4.62
N LYS A 36 11.44 -25.15 -3.91
CA LYS A 36 11.21 -24.19 -2.82
C LYS A 36 10.38 -23.00 -3.31
N GLU A 37 10.74 -22.47 -4.48
CA GLU A 37 10.00 -21.34 -5.08
C GLU A 37 8.59 -21.74 -5.49
N VAL A 38 8.44 -22.93 -6.09
CA VAL A 38 7.12 -23.39 -6.48
C VAL A 38 6.20 -23.50 -5.27
N LEU A 39 6.71 -24.09 -4.19
CA LEU A 39 5.90 -24.20 -2.97
C LEU A 39 5.60 -22.83 -2.39
N PHE A 40 6.59 -21.94 -2.37
CA PHE A 40 6.36 -20.59 -1.87
C PHE A 40 5.21 -19.92 -2.62
N TYR A 41 5.31 -19.88 -3.95
CA TYR A 41 4.32 -19.17 -4.73
C TYR A 41 2.96 -19.82 -4.63
N LEU A 42 2.91 -21.15 -4.59
CA LEU A 42 1.62 -21.83 -4.40
C LEU A 42 0.98 -21.45 -3.07
N GLY A 43 1.80 -21.30 -2.03
CA GLY A 43 1.32 -20.82 -0.74
C GLY A 43 0.73 -19.42 -0.81
N GLN A 44 1.42 -18.54 -1.53
CA GLN A 44 0.95 -17.18 -1.75
C GLN A 44 -0.37 -17.20 -2.50
N TYR A 45 -0.48 -18.07 -3.50
CA TYR A 45 -1.70 -18.23 -4.24
C TYR A 45 -2.85 -18.70 -3.36
N ILE A 46 -2.63 -19.76 -2.59
CA ILE A 46 -3.65 -20.31 -1.71
C ILE A 46 -4.15 -19.27 -0.71
N MET A 47 -3.22 -18.51 -0.15
CA MET A 47 -3.59 -17.55 0.89
C MET A 47 -4.26 -16.31 0.31
N THR A 48 -3.75 -15.80 -0.81
CA THR A 48 -4.41 -14.64 -1.43
C THR A 48 -5.82 -14.97 -1.93
N LYS A 49 -6.01 -16.19 -2.42
CA LYS A 49 -7.32 -16.61 -2.91
C LYS A 49 -8.25 -17.05 -1.77
N ARG A 50 -7.73 -17.07 -0.54
CA ARG A 50 -8.50 -17.44 0.66
C ARG A 50 -9.07 -18.85 0.57
N LEU A 51 -8.26 -19.78 0.08
CA LEU A 51 -8.78 -21.11 -0.24
C LEU A 51 -8.81 -22.06 0.95
N TYR A 52 -8.08 -21.73 2.01
CA TYR A 52 -8.09 -22.58 3.20
C TYR A 52 -9.30 -22.25 4.08
N ASP A 53 -9.87 -23.29 4.68
CA ASP A 53 -11.04 -23.16 5.55
C ASP A 53 -10.64 -22.42 6.84
N GLU A 54 -11.26 -21.28 7.09
CA GLU A 54 -10.93 -20.43 8.24
C GLU A 54 -11.06 -21.16 9.58
N LYS A 55 -11.93 -22.17 9.64
CA LYS A 55 -12.16 -22.96 10.86
C LYS A 55 -11.59 -24.37 10.83
N GLN A 56 -10.96 -24.74 9.72
CA GLN A 56 -10.21 -25.99 9.61
C GLN A 56 -9.05 -25.73 8.67
N GLN A 57 -8.02 -25.06 9.20
CA GLN A 57 -7.10 -24.30 8.36
C GLN A 57 -6.07 -25.13 7.61
N HIS A 58 -6.01 -26.42 7.89
CA HIS A 58 -5.14 -27.31 7.13
C HIS A 58 -5.81 -27.80 5.84
N ILE A 59 -7.11 -27.53 5.69
CA ILE A 59 -7.85 -27.96 4.49
C ILE A 59 -8.03 -26.84 3.50
N VAL A 60 -7.67 -27.15 2.24
CA VAL A 60 -7.83 -26.23 1.13
C VAL A 60 -9.01 -26.68 0.28
N TYR A 61 -9.92 -25.75 -0.01
CA TYR A 61 -11.06 -25.99 -0.91
C TYR A 61 -10.78 -25.28 -2.22
N CYS A 62 -10.81 -26.04 -3.31
CA CYS A 62 -10.35 -25.50 -4.59
C CYS A 62 -11.20 -25.87 -5.80
N SER A 63 -12.42 -26.34 -5.57
CA SER A 63 -13.29 -26.71 -6.70
C SER A 63 -13.77 -25.51 -7.51
N ASN A 64 -13.74 -24.33 -6.91
CA ASN A 64 -14.14 -23.10 -7.60
C ASN A 64 -12.92 -22.29 -8.08
N ASP A 65 -11.78 -22.98 -8.23
CA ASP A 65 -10.54 -22.31 -8.56
C ASP A 65 -9.73 -23.10 -9.58
N LEU A 66 -8.90 -22.42 -10.37
CA LEU A 66 -7.98 -23.13 -11.26
C LEU A 66 -7.05 -24.12 -10.55
N LEU A 67 -6.74 -23.87 -9.28
CA LEU A 67 -5.94 -24.83 -8.51
C LEU A 67 -6.58 -26.23 -8.48
N GLY A 68 -7.91 -26.29 -8.40
CA GLY A 68 -8.62 -27.55 -8.45
C GLY A 68 -8.49 -28.25 -9.80
N ASP A 69 -8.46 -27.46 -10.87
CA ASP A 69 -8.22 -27.99 -12.21
C ASP A 69 -6.80 -28.53 -12.29
N LEU A 70 -5.85 -27.77 -11.75
CA LEU A 70 -4.44 -28.15 -11.74
C LEU A 70 -4.21 -29.47 -10.99
N PHE A 71 -4.76 -29.55 -9.79
CA PHE A 71 -4.52 -30.67 -8.88
C PHE A 71 -5.47 -31.85 -9.12
N GLY A 72 -6.59 -31.58 -9.79
CA GLY A 72 -7.60 -32.62 -10.07
C GLY A 72 -8.38 -33.09 -8.86
N VAL A 73 -8.52 -32.22 -7.87
CA VAL A 73 -9.25 -32.52 -6.65
C VAL A 73 -10.08 -31.32 -6.22
N PRO A 74 -11.17 -31.55 -5.46
CA PRO A 74 -11.95 -30.41 -4.99
C PRO A 74 -11.46 -29.85 -3.66
N SER A 75 -10.64 -30.63 -2.96
CA SER A 75 -10.04 -30.24 -1.70
C SER A 75 -8.86 -31.13 -1.41
N PHE A 76 -8.00 -30.65 -0.52
CA PHE A 76 -6.90 -31.46 -0.01
C PHE A 76 -6.43 -30.89 1.30
N SER A 77 -5.64 -31.70 2.01
CA SER A 77 -5.08 -31.32 3.31
C SER A 77 -3.57 -31.12 3.20
N VAL A 78 -3.05 -30.07 3.86
CA VAL A 78 -1.60 -29.86 3.89
C VAL A 78 -0.84 -30.89 4.72
N LYS A 79 -1.58 -31.77 5.40
CA LYS A 79 -0.97 -32.89 6.12
CA LYS A 79 -0.96 -32.89 6.11
C LYS A 79 -0.55 -33.99 5.14
N GLU A 80 -1.10 -33.96 3.93
CA GLU A 80 -0.88 -35.01 2.92
C GLU A 80 0.27 -34.66 1.97
N HIS A 81 1.50 -34.69 2.47
CA HIS A 81 2.63 -34.19 1.70
C HIS A 81 2.92 -34.98 0.42
N ARG A 82 2.87 -36.31 0.52
CA ARG A 82 3.16 -37.14 -0.64
C ARG A 82 2.13 -36.91 -1.76
N LYS A 83 0.85 -36.84 -1.38
CA LYS A 83 -0.24 -36.57 -2.31
C LYS A 83 -0.04 -35.22 -3.01
N ILE A 84 0.32 -34.19 -2.23
CA ILE A 84 0.55 -32.86 -2.80
C ILE A 84 1.75 -32.84 -3.76
N TYR A 85 2.86 -33.46 -3.36
CA TYR A 85 4.00 -33.57 -4.27
C TYR A 85 3.59 -34.20 -5.59
N THR A 86 2.83 -35.28 -5.54
CA THR A 86 2.38 -35.96 -6.76
C THR A 86 1.58 -35.02 -7.66
N MET A 87 0.65 -34.27 -7.07
CA MET A 87 -0.15 -33.32 -7.82
C MET A 87 0.67 -32.20 -8.44
N ILE A 88 1.73 -31.78 -7.74
CA ILE A 88 2.62 -30.74 -8.25
C ILE A 88 3.50 -31.29 -9.37
N TYR A 89 4.13 -32.45 -9.12
CA TYR A 89 5.06 -33.04 -10.09
C TYR A 89 4.38 -33.34 -11.42
N ARG A 90 3.09 -33.72 -11.37
CA ARG A 90 2.30 -33.94 -12.58
C ARG A 90 2.30 -32.70 -13.49
N ASN A 91 2.48 -31.54 -12.86
CA ASN A 91 2.33 -30.26 -13.54
C ASN A 91 3.63 -29.54 -13.88
N LEU A 92 4.72 -30.30 -13.91
CA LEU A 92 6.00 -29.72 -14.27
C LEU A 92 6.95 -30.79 -14.81
N VAL A 93 8.09 -30.34 -15.32
CA VAL A 93 9.17 -31.25 -15.69
C VAL A 93 10.40 -30.88 -14.87
N VAL A 94 10.93 -31.85 -14.15
CA VAL A 94 12.15 -31.65 -13.38
C VAL A 94 13.32 -31.72 -14.34
N VAL A 95 14.22 -30.75 -14.25
CA VAL A 95 15.39 -30.71 -15.14
C VAL A 95 16.72 -31.03 -14.45
N ASN A 96 16.77 -30.87 -13.13
CA ASN A 96 17.85 -31.46 -12.31
C ASN A 96 17.45 -31.62 -10.85
N GLN B 9 -12.17 -14.43 7.04
CA GLN B 9 -10.69 -14.56 6.92
C GLN B 9 -10.05 -13.24 6.46
N GLU B 10 -9.02 -12.82 7.17
CA GLU B 10 -8.29 -11.61 6.80
C GLU B 10 -6.94 -11.97 6.18
N THR B 11 -6.54 -11.21 5.17
CA THR B 11 -5.27 -11.47 4.51
C THR B 11 -4.20 -10.52 5.06
N LEU B 12 -3.18 -11.09 5.68
CA LEU B 12 -2.14 -10.32 6.35
C LEU B 12 -0.83 -10.43 5.61
N VAL B 13 -0.12 -9.30 5.54
CA VAL B 13 1.03 -9.21 4.65
C VAL B 13 2.21 -8.47 5.25
N ARG B 14 3.41 -8.84 4.79
CA ARG B 14 4.63 -8.14 5.13
C ARG B 14 5.17 -7.51 3.84
N PRO B 15 4.99 -6.19 3.66
CA PRO B 15 5.49 -5.52 2.46
C PRO B 15 7.00 -5.59 2.30
N LYS B 16 7.45 -5.75 1.07
CA LYS B 16 8.87 -5.62 0.74
C LYS B 16 9.30 -4.14 0.80
N PRO B 17 10.61 -3.86 0.71
CA PRO B 17 11.05 -2.50 1.08
C PRO B 17 10.45 -1.34 0.29
N LEU B 18 10.33 -1.44 -1.03
CA LEU B 18 9.78 -0.32 -1.80
C LEU B 18 8.29 -0.10 -1.49
N LEU B 19 7.50 -1.17 -1.45
CA LEU B 19 6.11 -1.01 -1.05
C LEU B 19 6.01 -0.40 0.35
N LEU B 20 6.82 -0.89 1.27
CA LEU B 20 6.79 -0.35 2.62
C LEU B 20 7.07 1.15 2.62
N LYS B 21 8.08 1.58 1.86
CA LYS B 21 8.44 2.99 1.74
C LYS B 21 7.23 3.82 1.29
N LEU B 22 6.53 3.35 0.27
CA LEU B 22 5.38 4.10 -0.23
C LEU B 22 4.25 4.17 0.79
N LEU B 23 3.98 3.06 1.48
CA LEU B 23 2.95 3.04 2.52
C LEU B 23 3.31 4.01 3.63
N LYS B 24 4.56 3.96 4.09
CA LYS B 24 5.00 4.85 5.16
C LYS B 24 4.97 6.32 4.71
N SER B 25 5.15 6.58 3.42
CA SER B 25 5.13 7.96 2.93
C SER B 25 3.78 8.66 3.13
N VAL B 26 2.70 7.89 3.21
CA VAL B 26 1.37 8.44 3.47
C VAL B 26 0.91 8.21 4.91
N GLY B 27 1.86 7.87 5.78
CA GLY B 27 1.62 7.89 7.23
C GLY B 27 1.66 6.58 7.98
N ALA B 28 1.65 5.45 7.25
CA ALA B 28 1.68 4.13 7.88
C ALA B 28 2.91 3.95 8.77
N GLN B 29 2.73 3.28 9.91
CA GLN B 29 3.80 3.17 10.89
C GLN B 29 4.07 1.77 11.38
N LYS B 30 3.60 0.77 10.65
CA LYS B 30 3.76 -0.61 11.11
C LYS B 30 4.42 -1.54 10.09
N ASP B 31 4.69 -2.76 10.55
CA ASP B 31 5.48 -3.76 9.83
C ASP B 31 4.60 -4.68 8.98
N THR B 32 3.39 -4.91 9.47
CA THR B 32 2.45 -5.82 8.81
C THR B 32 1.13 -5.11 8.60
N TYR B 33 0.37 -5.57 7.61
CA TYR B 33 -0.83 -4.89 7.15
C TYR B 33 -1.87 -5.90 6.73
N THR B 34 -3.13 -5.51 6.79
CA THR B 34 -4.15 -6.25 6.07
C THR B 34 -4.10 -5.79 4.62
N MET B 35 -4.66 -6.60 3.72
CA MET B 35 -4.74 -6.17 2.34
C MET B 35 -5.64 -4.95 2.18
N LYS B 36 -6.70 -4.86 2.97
CA LYS B 36 -7.56 -3.67 3.01
C LYS B 36 -6.73 -2.42 3.29
N GLU B 37 -5.82 -2.52 4.26
CA GLU B 37 -4.93 -1.41 4.60
C GLU B 37 -3.96 -1.06 3.47
N VAL B 38 -3.39 -2.08 2.84
CA VAL B 38 -2.48 -1.86 1.71
C VAL B 38 -3.23 -1.10 0.59
N LEU B 39 -4.43 -1.55 0.26
CA LEU B 39 -5.20 -0.86 -0.78
C LEU B 39 -5.56 0.56 -0.35
N PHE B 40 -5.93 0.74 0.91
CA PHE B 40 -6.24 2.08 1.41
C PHE B 40 -5.06 3.03 1.23
N TYR B 41 -3.89 2.61 1.71
CA TYR B 41 -2.72 3.47 1.67
C TYR B 41 -2.27 3.72 0.24
N LEU B 42 -2.34 2.70 -0.61
CA LEU B 42 -2.00 2.91 -2.01
C LEU B 42 -2.93 3.91 -2.68
N GLY B 43 -4.21 3.89 -2.33
CA GLY B 43 -5.14 4.91 -2.84
C GLY B 43 -4.80 6.31 -2.37
N GLN B 44 -4.43 6.45 -1.10
CA GLN B 44 -4.01 7.75 -0.56
C GLN B 44 -2.76 8.23 -1.29
N TYR B 45 -1.84 7.30 -1.57
CA TYR B 45 -0.63 7.61 -2.31
C TYR B 45 -0.95 8.07 -3.74
N ILE B 46 -1.78 7.30 -4.44
CA ILE B 46 -2.13 7.63 -5.82
C ILE B 46 -2.78 9.00 -5.91
N MET B 47 -3.67 9.30 -4.97
CA MET B 47 -4.43 10.55 -5.05
C MET B 47 -3.59 11.74 -4.61
N THR B 48 -2.77 11.59 -3.56
CA THR B 48 -1.93 12.71 -3.12
C THR B 48 -0.85 13.06 -4.16
N LYS B 49 -0.31 12.06 -4.85
CA LYS B 49 0.74 12.29 -5.85
C LYS B 49 0.12 12.76 -7.17
N ARG B 50 -1.21 12.79 -7.23
CA ARG B 50 -1.94 13.29 -8.41
C ARG B 50 -1.68 12.42 -9.64
N LEU B 51 -1.67 11.11 -9.43
CA LEU B 51 -1.32 10.16 -10.49
C LEU B 51 -2.51 9.78 -11.35
N TYR B 52 -3.71 9.95 -10.83
CA TYR B 52 -4.88 9.60 -11.64
C TYR B 52 -5.18 10.76 -12.58
N ASP B 53 -5.60 10.45 -13.81
CA ASP B 53 -5.85 11.47 -14.81
C ASP B 53 -7.15 12.19 -14.44
N GLU B 54 -7.07 13.46 -14.06
CA GLU B 54 -8.28 14.16 -13.62
CA GLU B 54 -8.25 14.24 -13.65
C GLU B 54 -9.30 14.33 -14.75
N LYS B 55 -8.85 14.12 -16.00
CA LYS B 55 -9.76 14.16 -17.16
C LYS B 55 -10.31 12.80 -17.58
N GLN B 56 -9.69 11.73 -17.09
CA GLN B 56 -10.10 10.34 -17.38
C GLN B 56 -9.80 9.56 -16.10
N GLN B 57 -10.70 9.65 -15.14
CA GLN B 57 -10.32 9.40 -13.74
C GLN B 57 -10.12 7.95 -13.32
N HIS B 58 -10.38 7.00 -14.21
CA HIS B 58 -10.07 5.61 -13.90
C HIS B 58 -8.62 5.25 -14.26
N ILE B 59 -7.90 6.15 -14.95
CA ILE B 59 -6.53 5.89 -15.39
C ILE B 59 -5.51 6.43 -14.38
N VAL B 60 -4.52 5.60 -14.06
CA VAL B 60 -3.39 6.01 -13.22
C VAL B 60 -2.13 6.04 -14.07
N TYR B 61 -1.45 7.19 -14.07
CA TYR B 61 -0.18 7.32 -14.77
CA TYR B 61 -0.16 7.37 -14.76
C TYR B 61 0.96 7.30 -13.75
N CYS B 62 1.79 6.27 -13.83
CA CYS B 62 2.80 6.02 -12.81
C CYS B 62 4.23 5.88 -13.31
N SER B 63 4.46 6.11 -14.60
CA SER B 63 5.80 5.90 -15.16
C SER B 63 6.84 6.74 -14.44
N ASN B 64 6.53 8.02 -14.28
CA ASN B 64 7.44 8.98 -13.63
CA ASN B 64 7.35 9.06 -13.65
C ASN B 64 7.21 9.08 -12.12
N ASP B 65 7.09 7.92 -11.50
CA ASP B 65 6.89 7.83 -10.05
C ASP B 65 7.45 6.50 -9.59
N LEU B 66 7.83 6.40 -8.32
CA LEU B 66 8.26 5.12 -7.78
C LEU B 66 7.16 4.05 -7.83
N LEU B 67 5.90 4.45 -7.93
CA LEU B 67 4.83 3.45 -8.11
C LEU B 67 5.04 2.69 -9.42
N GLY B 68 5.56 3.37 -10.44
CA GLY B 68 5.94 2.71 -11.68
C GLY B 68 7.06 1.70 -11.49
N ASP B 69 8.05 2.02 -10.67
CA ASP B 69 9.07 1.04 -10.27
C ASP B 69 8.43 -0.17 -9.61
N LEU B 70 7.51 0.11 -8.70
CA LEU B 70 6.91 -0.92 -7.87
C LEU B 70 6.10 -1.88 -8.73
N PHE B 71 5.27 -1.32 -9.62
CA PHE B 71 4.31 -2.11 -10.38
C PHE B 71 4.87 -2.64 -11.69
N GLY B 72 5.93 -2.01 -12.19
CA GLY B 72 6.56 -2.42 -13.44
C GLY B 72 5.77 -2.07 -14.69
N VAL B 73 4.88 -1.07 -14.57
CA VAL B 73 4.08 -0.59 -15.71
C VAL B 73 4.09 0.94 -15.73
N PRO B 74 3.86 1.55 -16.90
CA PRO B 74 3.81 3.00 -16.98
C PRO B 74 2.46 3.60 -16.59
N SER B 75 1.42 2.78 -16.65
CA SER B 75 0.05 3.21 -16.40
C SER B 75 -0.83 1.99 -16.28
N PHE B 76 -2.01 2.17 -15.71
CA PHE B 76 -3.00 1.11 -15.61
C PHE B 76 -4.35 1.75 -15.36
N SER B 77 -5.40 0.95 -15.55
CA SER B 77 -6.77 1.35 -15.21
C SER B 77 -7.18 0.67 -13.90
N VAL B 78 -7.93 1.42 -13.08
CA VAL B 78 -8.42 0.88 -11.82
C VAL B 78 -9.40 -0.27 -12.01
N LYS B 79 -9.85 -0.48 -13.26
CA LYS B 79 -10.71 -1.62 -13.59
C LYS B 79 -9.93 -2.94 -13.66
N GLU B 80 -8.60 -2.87 -13.77
CA GLU B 80 -7.78 -4.07 -14.00
C GLU B 80 -7.39 -4.76 -12.69
N HIS B 81 -8.38 -5.31 -11.97
CA HIS B 81 -8.11 -5.79 -10.61
C HIS B 81 -7.12 -6.94 -10.56
N ARG B 82 -7.29 -7.92 -11.45
CA ARG B 82 -6.36 -9.06 -11.48
C ARG B 82 -4.91 -8.62 -11.68
N LYS B 83 -4.68 -7.72 -12.62
CA LYS B 83 -3.34 -7.23 -12.91
C LYS B 83 -2.78 -6.45 -11.72
N ILE B 84 -3.61 -5.59 -11.14
CA ILE B 84 -3.19 -4.82 -9.98
C ILE B 84 -2.81 -5.74 -8.81
N TYR B 85 -3.65 -6.73 -8.51
CA TYR B 85 -3.33 -7.68 -7.44
C TYR B 85 -1.98 -8.35 -7.68
N THR B 86 -1.73 -8.80 -8.91
CA THR B 86 -0.45 -9.42 -9.25
C THR B 86 0.73 -8.48 -8.97
N MET B 87 0.58 -7.22 -9.37
CA MET B 87 1.62 -6.22 -9.18
C MET B 87 1.87 -5.92 -7.68
N ILE B 88 0.81 -5.95 -6.89
CA ILE B 88 0.94 -5.76 -5.45
C ILE B 88 1.57 -6.99 -4.79
N TYR B 89 1.04 -8.18 -5.09
CA TYR B 89 1.51 -9.39 -4.42
C TYR B 89 3.00 -9.66 -4.68
N ARG B 90 3.49 -9.26 -5.85
CA ARG B 90 4.92 -9.36 -6.16
C ARG B 90 5.79 -8.62 -5.13
N ASN B 91 5.21 -7.63 -4.47
CA ASN B 91 5.90 -6.72 -3.60
C ASN B 91 5.64 -6.94 -2.11
N LEU B 92 5.19 -8.13 -1.77
CA LEU B 92 4.93 -8.47 -0.36
C LEU B 92 5.00 -9.97 -0.14
N VAL B 93 4.98 -10.36 1.13
CA VAL B 93 4.83 -11.76 1.49
C VAL B 93 3.56 -11.87 2.31
N VAL B 94 2.65 -12.72 1.84
CA VAL B 94 1.41 -12.98 2.55
C VAL B 94 1.72 -13.97 3.65
N VAL B 95 1.25 -13.65 4.86
CA VAL B 95 1.47 -14.54 6.03
C VAL B 95 0.20 -15.14 6.62
N ASN B 96 -0.96 -14.66 6.17
CA ASN B 96 -2.25 -15.23 6.59
C ASN B 96 -3.26 -15.08 5.46
N SER C 2 13.98 16.31 -3.50
CA SER C 2 13.65 17.14 -4.69
C SER C 2 12.43 18.03 -4.43
N GLN C 3 12.37 19.16 -5.14
CA GLN C 3 11.24 20.08 -5.09
C GLN C 3 9.95 19.32 -5.42
N ILE C 4 8.96 19.42 -4.54
CA ILE C 4 7.71 18.69 -4.72
C ILE C 4 6.76 19.48 -5.63
N PRO C 5 6.20 18.82 -6.67
CA PRO C 5 5.23 19.50 -7.51
C PRO C 5 4.10 20.15 -6.72
N ALA C 6 3.72 21.35 -7.16
CA ALA C 6 2.68 22.12 -6.48
C ALA C 6 1.31 21.45 -6.59
N SER C 7 1.12 20.58 -7.58
CA SER C 7 -0.16 19.89 -7.77
C SER C 7 -0.57 19.09 -6.55
N GLU C 8 0.39 18.64 -5.74
CA GLU C 8 0.07 17.88 -4.53
C GLU C 8 -0.83 18.70 -3.59
N GLN C 9 -0.76 20.03 -3.71
CA GLN C 9 -1.58 20.93 -2.89
C GLN C 9 -3.03 20.97 -3.31
N GLU C 10 -3.34 20.37 -4.46
CA GLU C 10 -4.72 20.37 -4.98
C GLU C 10 -5.58 19.25 -4.40
N THR C 11 -4.95 18.31 -3.70
CA THR C 11 -5.63 17.18 -3.10
C THR C 11 -6.72 17.66 -2.16
N LEU C 12 -7.91 17.07 -2.24
CA LEU C 12 -9.01 17.37 -1.33
C LEU C 12 -8.99 16.36 -0.18
N VAL C 13 -9.06 16.87 1.04
CA VAL C 13 -8.87 16.04 2.22
C VAL C 13 -9.94 16.28 3.27
N ARG C 14 -10.18 15.27 4.09
CA ARG C 14 -11.09 15.34 5.23
C ARG C 14 -10.27 15.08 6.50
N PRO C 15 -9.89 16.15 7.21
CA PRO C 15 -9.09 15.98 8.42
C PRO C 15 -9.80 15.12 9.47
N LYS C 16 -9.00 14.31 10.15
CA LYS C 16 -9.45 13.57 11.33
CA LYS C 16 -9.46 13.58 11.32
C LYS C 16 -9.67 14.58 12.46
N PRO C 17 -10.35 14.18 13.55
CA PRO C 17 -10.76 15.18 14.53
C PRO C 17 -9.68 16.09 15.12
N LEU C 18 -8.51 15.56 15.44
CA LEU C 18 -7.46 16.36 16.06
C LEU C 18 -6.94 17.44 15.09
N LEU C 19 -6.70 17.07 13.84
CA LEU C 19 -6.28 18.05 12.85
C LEU C 19 -7.39 19.07 12.58
N LEU C 20 -8.63 18.61 12.51
CA LEU C 20 -9.75 19.52 12.30
C LEU C 20 -9.84 20.56 13.41
N LYS C 21 -9.61 20.12 14.65
CA LYS C 21 -9.62 21.02 15.80
C LYS C 21 -8.57 22.12 15.65
N LEU C 22 -7.36 21.76 15.20
CA LEU C 22 -6.31 22.75 14.97
C LEU C 22 -6.74 23.76 13.90
N LEU C 23 -7.23 23.27 12.78
CA LEU C 23 -7.65 24.13 11.69
C LEU C 23 -8.77 25.07 12.11
N LYS C 24 -9.77 24.55 12.81
CA LYS C 24 -10.88 25.38 13.27
C LYS C 24 -10.42 26.42 14.29
N SER C 25 -9.37 26.11 15.05
CA SER C 25 -8.86 27.04 16.07
C SER C 25 -8.32 28.35 15.47
N VAL C 26 -7.92 28.30 14.20
CA VAL C 26 -7.46 29.51 13.51
C VAL C 26 -8.46 30.05 12.50
N GLY C 27 -9.71 29.58 12.60
CA GLY C 27 -10.81 30.25 11.92
C GLY C 27 -11.59 29.39 10.95
N ALA C 28 -11.04 28.24 10.57
CA ALA C 28 -11.65 27.40 9.54
C ALA C 28 -13.03 26.89 9.97
N GLN C 29 -13.96 26.79 9.02
CA GLN C 29 -15.35 26.47 9.35
C GLN C 29 -15.95 25.37 8.48
N LYS C 30 -15.09 24.51 7.93
CA LYS C 30 -15.60 23.41 7.10
C LYS C 30 -14.96 22.08 7.45
N ASP C 31 -15.41 21.02 6.77
CA ASP C 31 -14.97 19.66 7.07
C ASP C 31 -13.98 19.14 6.04
N THR C 32 -13.97 19.75 4.86
CA THR C 32 -13.05 19.32 3.80
C THR C 32 -12.26 20.51 3.28
N TYR C 33 -11.01 20.25 2.90
CA TYR C 33 -10.02 21.28 2.57
C TYR C 33 -9.16 20.81 1.43
N THR C 34 -8.61 21.76 0.68
CA THR C 34 -7.49 21.40 -0.16
C THR C 34 -6.24 21.34 0.69
N MET C 35 -5.22 20.63 0.21
CA MET C 35 -3.96 20.62 0.95
C MET C 35 -3.32 22.01 1.04
N LYS C 36 -3.52 22.85 0.03
CA LYS C 36 -3.08 24.24 0.08
C LYS C 36 -3.68 24.95 1.29
N GLU C 37 -4.99 24.73 1.52
CA GLU C 37 -5.65 25.32 2.67
C GLU C 37 -5.12 24.76 3.98
N VAL C 38 -4.89 23.45 4.04
CA VAL C 38 -4.31 22.85 5.24
C VAL C 38 -2.94 23.47 5.58
N LEU C 39 -2.07 23.60 4.57
CA LEU C 39 -0.76 24.24 4.78
C LEU C 39 -0.90 25.69 5.25
N PHE C 40 -1.82 26.44 4.63
CA PHE C 40 -2.05 27.82 5.03
C PHE C 40 -2.44 27.90 6.51
N TYR C 41 -3.43 27.11 6.91
CA TYR C 41 -3.95 27.18 8.27
C TYR C 41 -2.91 26.70 9.27
N LEU C 42 -2.13 25.68 8.92
CA LEU C 42 -1.04 25.24 9.80
C LEU C 42 -0.01 26.36 10.01
N GLY C 43 0.25 27.11 8.94
CA GLY C 43 1.13 28.28 9.04
C GLY C 43 0.59 29.31 10.02
N GLN C 44 -0.70 29.59 9.91
CA GLN C 44 -1.35 30.54 10.82
C GLN C 44 -1.29 30.05 12.26
N TYR C 45 -1.52 28.76 12.46
CA TYR C 45 -1.40 28.15 13.76
C TYR C 45 0.02 28.28 14.34
N ILE C 46 1.02 27.89 13.56
CA ILE C 46 2.40 27.96 13.99
C ILE C 46 2.80 29.39 14.39
N MET C 47 2.40 30.36 13.57
CA MET C 47 2.81 31.74 13.81
C MET C 47 2.02 32.38 14.96
N THR C 48 0.73 32.10 15.06
CA THR C 48 -0.02 32.66 16.19
C THR C 48 0.43 32.07 17.53
N LYS C 49 0.79 30.80 17.54
CA LYS C 49 1.31 30.15 18.76
C LYS C 49 2.80 30.42 18.99
N ARG C 50 3.43 31.11 18.04
CA ARG C 50 4.84 31.51 18.13
C ARG C 50 5.76 30.30 18.35
N LEU C 51 5.55 29.28 17.52
CA LEU C 51 6.26 28.00 17.64
C LEU C 51 7.60 27.96 16.89
N TYR C 52 8.14 29.12 16.60
CA TYR C 52 9.46 29.22 15.96
C TYR C 52 10.28 30.29 16.71
N ASP C 53 11.60 30.27 16.55
CA ASP C 53 12.44 31.32 17.15
C ASP C 53 13.33 31.98 16.10
N GLU C 54 14.10 32.98 16.51
CA GLU C 54 14.94 33.75 15.59
C GLU C 54 16.33 33.16 15.42
N LYS C 55 16.60 32.04 16.09
CA LYS C 55 17.90 31.40 16.04
C LYS C 55 18.01 30.42 14.86
N GLN C 56 17.43 29.23 15.02
CA GLN C 56 17.30 28.28 13.90
C GLN C 56 15.91 28.51 13.31
N GLN C 57 15.83 29.48 12.40
CA GLN C 57 14.57 30.09 11.98
C GLN C 57 13.59 29.18 11.23
N HIS C 58 14.11 28.08 10.71
CA HIS C 58 13.32 27.11 9.94
C HIS C 58 12.73 26.01 10.84
N ILE C 59 13.05 26.06 12.13
CA ILE C 59 12.61 25.03 13.05
C ILE C 59 11.30 25.41 13.73
N VAL C 60 10.37 24.47 13.73
CA VAL C 60 9.13 24.59 14.49
C VAL C 60 9.27 23.74 15.74
N TYR C 61 9.07 24.37 16.90
CA TYR C 61 9.15 23.70 18.18
C TYR C 61 7.74 23.45 18.70
N CYS C 62 7.31 22.20 18.66
CA CYS C 62 5.91 21.83 18.89
C CYS C 62 5.72 20.83 20.03
N SER C 63 6.73 20.70 20.89
CA SER C 63 6.60 19.83 22.07
C SER C 63 5.55 20.41 23.01
N ASN C 64 4.81 19.54 23.69
CA ASN C 64 3.73 19.97 24.60
C ASN C 64 2.75 20.94 23.94
N ASP C 65 2.42 20.64 22.69
CA ASP C 65 1.44 21.39 21.92
C ASP C 65 0.65 20.39 21.10
N LEU C 66 -0.61 20.73 20.84
CA LEU C 66 -1.45 19.93 19.95
C LEU C 66 -0.71 19.51 18.68
N LEU C 67 0.09 20.43 18.13
CA LEU C 67 0.80 20.14 16.87
C LEU C 67 1.79 18.99 17.03
N GLY C 68 2.49 18.97 18.17
CA GLY C 68 3.40 17.86 18.49
C GLY C 68 2.66 16.55 18.66
N ASP C 69 1.47 16.60 19.26
CA ASP C 69 0.63 15.40 19.37
C ASP C 69 0.24 14.89 17.99
N LEU C 70 -0.15 15.81 17.12
CA LEU C 70 -0.53 15.47 15.74
C LEU C 70 0.62 14.88 14.93
N PHE C 71 1.78 15.53 15.00
CA PHE C 71 2.90 15.17 14.14
C PHE C 71 3.80 14.08 14.73
N GLY C 72 3.74 13.89 16.05
CA GLY C 72 4.50 12.83 16.71
C GLY C 72 5.99 13.12 16.93
N VAL C 73 6.38 14.38 16.80
CA VAL C 73 7.77 14.79 17.04
C VAL C 73 7.76 16.09 17.83
N PRO C 74 8.82 16.37 18.60
CA PRO C 74 8.85 17.61 19.39
C PRO C 74 9.33 18.84 18.61
N SER C 75 9.88 18.62 17.42
CA SER C 75 10.33 19.70 16.56
C SER C 75 10.51 19.14 15.16
N PHE C 76 10.49 20.04 14.17
CA PHE C 76 10.74 19.66 12.78
C PHE C 76 11.11 20.91 12.01
N SER C 77 11.63 20.70 10.79
CA SER C 77 12.11 21.78 9.94
C SER C 77 11.17 22.02 8.76
N VAL C 78 10.93 23.30 8.43
CA VAL C 78 10.12 23.62 7.24
C VAL C 78 10.84 23.25 5.95
N LYS C 79 12.11 22.87 6.06
CA LYS C 79 12.84 22.33 4.91
C LYS C 79 12.38 20.91 4.56
N GLU C 80 11.78 20.20 5.52
CA GLU C 80 11.42 18.78 5.38
CA GLU C 80 11.47 18.78 5.30
C GLU C 80 10.06 18.61 4.73
N HIS C 81 9.90 19.01 3.48
CA HIS C 81 8.58 19.07 2.84
C HIS C 81 7.87 17.73 2.78
N ARG C 82 8.58 16.70 2.33
CA ARG C 82 7.97 15.39 2.23
C ARG C 82 7.57 14.85 3.60
N LYS C 83 8.45 15.00 4.60
CA LYS C 83 8.12 14.53 5.94
C LYS C 83 6.91 15.24 6.52
N ILE C 84 6.78 16.54 6.23
CA ILE C 84 5.63 17.31 6.69
C ILE C 84 4.35 16.77 6.05
N TYR C 85 4.38 16.56 4.74
CA TYR C 85 3.25 15.93 4.07
C TYR C 85 2.87 14.60 4.73
N THR C 86 3.87 13.76 5.00
CA THR C 86 3.61 12.46 5.65
C THR C 86 2.91 12.61 6.99
N MET C 87 3.41 13.54 7.81
CA MET C 87 2.83 13.79 9.13
C MET C 87 1.40 14.31 9.05
N ILE C 88 1.12 15.10 8.03
CA ILE C 88 -0.24 15.59 7.79
C ILE C 88 -1.15 14.46 7.32
N TYR C 89 -0.69 13.68 6.34
CA TYR C 89 -1.54 12.63 5.75
C TYR C 89 -1.98 11.59 6.75
N ARG C 90 -1.14 11.35 7.75
CA ARG C 90 -1.48 10.43 8.84
C ARG C 90 -2.75 10.89 9.58
N ASN C 91 -3.04 12.18 9.50
CA ASN C 91 -4.13 12.80 10.25
C ASN C 91 -5.34 13.17 9.42
N LEU C 92 -5.50 12.56 8.25
CA LEU C 92 -6.65 12.87 7.40
C LEU C 92 -6.94 11.70 6.47
N VAL C 93 -8.08 11.79 5.79
CA VAL C 93 -8.39 10.91 4.67
C VAL C 93 -8.53 11.74 3.41
N VAL C 94 -7.80 11.31 2.37
CA VAL C 94 -7.84 11.97 1.08
C VAL C 94 -9.10 11.52 0.34
N VAL C 95 -9.82 12.51 -0.19
CA VAL C 95 -11.09 12.32 -0.89
C VAL C 95 -10.90 12.22 -2.41
N ASN C 96 -10.13 13.16 -2.97
CA ASN C 96 -9.75 13.11 -4.37
C ASN C 96 -8.51 13.95 -4.62
N PHE D 1 7.38 -25.49 5.16
CA PHE D 1 6.62 -26.58 4.53
C PHE D 1 6.67 -27.80 5.41
N SER D 2 6.71 -27.59 6.75
CA SER D 2 6.80 -28.69 7.70
C SER D 2 5.81 -28.68 8.84
N ASP D 3 5.21 -27.53 9.24
CA ASP D 3 4.23 -27.51 10.32
C ASP D 3 2.93 -27.72 9.59
N SER D 5 -0.20 -27.88 10.78
CA SER D 5 -1.36 -27.58 11.57
C SER D 5 -2.30 -26.66 10.83
N SER D 6 -1.79 -25.81 9.92
CA SER D 6 -2.63 -24.87 9.19
C SER D 6 -1.87 -24.44 7.97
N VAL D 7 -2.59 -23.93 6.96
CA VAL D 7 -1.90 -23.43 5.77
C VAL D 7 -1.00 -22.28 6.17
N PRO D 8 -1.35 -21.26 6.97
CA PRO D 8 -0.38 -20.22 7.29
C PRO D 8 0.81 -20.75 8.03
N ASN D 9 0.66 -21.72 8.95
CA ASN D 9 1.85 -22.22 9.64
C ASN D 9 2.74 -23.05 8.76
N ARG D 12 4.64 -20.16 6.74
CA ARG D 12 5.34 -19.07 7.42
C ARG D 12 6.84 -19.25 7.50
N ASN D 13 7.56 -18.24 7.00
CA ASN D 13 9.03 -18.23 7.02
C ASN D 13 9.64 -19.36 6.25
N PHE E 1 -13.07 -0.43 -2.74
CA PHE E 1 -12.28 -1.12 -3.75
C PHE E 1 -13.16 -1.98 -4.63
N SER E 2 -14.40 -1.52 -4.89
CA SER E 2 -15.36 -2.27 -5.71
C SER E 2 -16.03 -1.45 -6.79
N ASP E 3 -16.02 -0.10 -6.72
CA ASP E 3 -16.63 0.75 -7.74
C ASP E 3 -15.48 1.13 -8.66
N SER E 5 -15.46 2.95 -11.46
CA SER E 5 -15.79 3.99 -12.43
C SER E 5 -14.73 5.06 -12.42
N SER E 6 -14.02 5.26 -11.30
CA SER E 6 -12.93 6.24 -11.24
C SER E 6 -12.10 5.91 -10.03
N VAL E 7 -10.88 6.49 -9.99
CA VAL E 7 -9.98 6.30 -8.84
C VAL E 7 -10.60 6.89 -7.59
N PRO E 8 -11.09 8.16 -7.49
CA PRO E 8 -11.71 8.59 -6.25
C PRO E 8 -12.93 7.77 -5.93
N ASN E 9 -13.74 7.32 -6.93
CA ASN E 9 -14.91 6.53 -6.55
C ASN E 9 -14.55 5.17 -6.01
N ARG E 12 -13.50 5.72 -2.35
CA ARG E 12 -14.44 6.40 -1.47
C ARG E 12 -14.99 5.52 -0.35
N ASN E 13 -14.79 5.92 0.92
CA ASN E 13 -15.29 5.18 2.11
C ASN E 13 -14.86 3.75 2.17
N PHE F 1 5.04 28.44 0.21
CA PHE F 1 5.48 27.10 0.60
C PHE F 1 6.69 26.73 -0.21
N SER F 2 7.54 27.73 -0.52
CA SER F 2 8.72 27.50 -1.35
C SER F 2 10.03 28.04 -0.82
N ASP F 3 10.05 29.08 0.04
CA ASP F 3 11.28 29.62 0.59
C ASP F 3 11.41 28.91 1.93
N SER F 5 13.81 29.18 4.26
CA SER F 5 14.83 29.81 5.11
C SER F 5 14.25 30.14 6.48
N SER F 6 12.92 30.31 6.59
CA SER F 6 12.32 30.61 7.88
C SER F 6 10.86 30.28 7.81
N VAL F 7 10.21 30.12 8.97
CA VAL F 7 8.77 29.84 8.97
C VAL F 7 8.04 31.01 8.35
N PRO F 8 8.21 32.31 8.73
CA PRO F 8 7.46 33.34 8.02
C PRO F 8 7.73 33.39 6.53
N ASN F 9 8.97 33.17 6.07
CA ASN F 9 9.23 33.25 4.65
C ASN F 9 8.54 32.12 3.92
N ARG F 12 4.77 33.46 3.74
CA ARG F 12 4.41 34.79 3.21
C ARG F 12 3.88 34.83 1.80
N ASN F 13 2.63 35.34 1.65
CA ASN F 13 1.92 35.49 0.39
C ASN F 13 1.62 34.15 -0.22
#